data_6HGO
#
_entry.id   6HGO
#
_cell.length_a   126.195
_cell.length_b   126.195
_cell.length_c   88.539
_cell.angle_alpha   90.000
_cell.angle_beta   90.000
_cell.angle_gamma   120.000
#
_symmetry.space_group_name_H-M   'P 65'
#
loop_
_entity.id
_entity.type
_entity.pdbx_description
1 polymer Interleukin-17F
2 branched 2-acetamido-2-deoxy-beta-D-glucopyranose-(1-4)-2-acetamido-2-deoxy-beta-D-glucopyranose
3 non-polymer 2-acetamido-2-deoxy-beta-D-glucopyranose
4 non-polymer 'SULFATE ION'
5 water water
#
_entity_poly.entity_id   1
_entity_poly.type   'polypeptide(L)'
_entity_poly.pdbx_seq_one_letter_code
;EFRHDSRKIPKVGHTFFQKPESCPPVPGGSMKLDIGIINENQRVSMSRNIESRSTSPWNYTVTWDPNRYPSEVVQAQCRN
LGCINAQGKEDISMNSVPIQQETLVVRRKHQGCSVSFQLEKVLVTVGCTCVTPVIHHVQ
;
_entity_poly.pdbx_strand_id   A,B,C,D
#
loop_
_chem_comp.id
_chem_comp.type
_chem_comp.name
_chem_comp.formula
NAG D-saccharide, beta linking 2-acetamido-2-deoxy-beta-D-glucopyranose 'C8 H15 N O6'
SO4 non-polymer 'SULFATE ION' 'O4 S -2'
#
# COMPACT_ATOMS: atom_id res chain seq x y z
N HIS A 14 -8.05 12.92 -9.24
CA HIS A 14 -9.37 12.69 -8.66
C HIS A 14 -9.35 11.53 -7.66
N THR A 15 -10.30 11.53 -6.71
CA THR A 15 -10.44 10.52 -5.66
C THR A 15 -11.75 9.74 -5.85
N PHE A 16 -11.88 8.64 -5.13
CA PHE A 16 -13.00 7.74 -5.18
C PHE A 16 -14.35 8.37 -4.82
N PHE A 17 -14.35 9.31 -3.85
CA PHE A 17 -15.57 9.93 -3.38
C PHE A 17 -15.98 11.17 -4.18
N GLN A 18 -15.20 11.56 -5.20
CA GLN A 18 -15.49 12.71 -6.04
C GLN A 18 -16.59 12.42 -7.06
N LYS A 19 -17.64 13.23 -7.05
CA LYS A 19 -18.77 13.17 -7.98
C LYS A 19 -18.27 13.74 -9.33
N PRO A 20 -18.77 13.30 -10.52
CA PRO A 20 -18.28 13.91 -11.78
C PRO A 20 -18.41 15.44 -11.79
N GLU A 21 -17.45 16.13 -12.43
CA GLU A 21 -17.42 17.60 -12.48
C GLU A 21 -18.66 18.24 -13.11
N SER A 22 -19.34 17.52 -14.04
CA SER A 22 -20.55 17.98 -14.75
C SER A 22 -21.79 17.98 -13.85
N CYS A 23 -21.70 17.39 -12.66
CA CYS A 23 -22.80 17.28 -11.70
C CYS A 23 -22.99 18.55 -10.87
N PRO A 24 -24.26 18.95 -10.57
CA PRO A 24 -24.48 20.15 -9.75
C PRO A 24 -23.92 20.02 -8.32
N PRO A 25 -23.40 21.11 -7.72
CA PRO A 25 -22.84 21.00 -6.36
C PRO A 25 -23.88 20.82 -5.26
N VAL A 26 -23.49 20.11 -4.19
CA VAL A 26 -24.32 19.80 -3.01
C VAL A 26 -23.81 20.65 -1.82
N PRO A 27 -24.70 21.35 -1.06
CA PRO A 27 -24.21 22.16 0.07
C PRO A 27 -23.48 21.37 1.14
N GLY A 28 -22.27 21.82 1.47
CA GLY A 28 -21.40 21.19 2.46
C GLY A 28 -20.43 20.16 1.90
N GLY A 29 -20.59 19.81 0.62
CA GLY A 29 -19.76 18.84 -0.07
C GLY A 29 -19.96 17.40 0.37
N SER A 30 -20.99 17.17 1.21
CA SER A 30 -21.33 15.86 1.77
C SER A 30 -21.90 14.87 0.73
N MET A 31 -21.78 13.58 1.03
CA MET A 31 -22.20 12.49 0.15
C MET A 31 -23.31 11.64 0.76
N LYS A 32 -23.98 10.85 -0.08
CA LYS A 32 -25.06 9.96 0.33
C LYS A 32 -24.48 8.64 0.82
N LEU A 33 -24.80 8.28 2.06
CA LEU A 33 -24.43 7.00 2.64
C LEU A 33 -25.74 6.22 2.79
N ASP A 34 -25.85 5.11 2.05
CA ASP A 34 -27.02 4.25 2.02
C ASP A 34 -27.06 3.36 3.23
N ILE A 35 -28.28 3.06 3.70
CA ILE A 35 -28.57 2.21 4.86
C ILE A 35 -28.18 0.77 4.59
N GLY A 36 -27.75 0.09 5.64
CA GLY A 36 -27.39 -1.32 5.61
C GLY A 36 -25.94 -1.57 5.27
N ILE A 37 -25.39 -2.62 5.85
CA ILE A 37 -24.02 -3.04 5.63
C ILE A 37 -24.06 -4.29 4.74
N ILE A 38 -23.42 -4.21 3.55
CA ILE A 38 -23.33 -5.33 2.60
C ILE A 38 -22.53 -6.47 3.24
N ASN A 39 -23.07 -7.72 3.16
CA ASN A 39 -22.44 -8.94 3.67
C ASN A 39 -22.12 -8.88 5.17
N GLU A 40 -23.03 -8.27 5.95
CA GLU A 40 -22.94 -8.11 7.40
C GLU A 40 -22.96 -9.44 8.17
N ASN A 41 -23.64 -10.45 7.62
CA ASN A 41 -23.83 -11.78 8.20
C ASN A 41 -22.55 -12.61 8.38
N GLN A 42 -21.43 -12.19 7.77
CA GLN A 42 -20.16 -12.92 7.87
C GLN A 42 -19.56 -12.76 9.25
N ARG A 43 -18.89 -13.83 9.70
CA ARG A 43 -18.20 -13.89 10.99
C ARG A 43 -16.82 -14.50 10.79
N VAL A 44 -15.83 -13.95 11.49
CA VAL A 44 -14.45 -14.44 11.49
C VAL A 44 -14.44 -15.92 11.94
N SER A 45 -13.68 -16.77 11.22
CA SER A 45 -13.56 -18.19 11.51
C SER A 45 -12.08 -18.52 11.65
N MET A 46 -11.62 -18.75 12.89
CA MET A 46 -10.22 -19.07 13.15
C MET A 46 -10.14 -20.30 14.03
N SER A 47 -8.97 -20.96 14.03
CA SER A 47 -8.71 -22.13 14.86
C SER A 47 -8.94 -21.78 16.33
N ARG A 48 -9.59 -22.68 17.08
CA ARG A 48 -9.92 -22.50 18.49
C ARG A 48 -8.65 -22.18 19.30
N ASN A 49 -8.70 -21.13 20.13
CA ASN A 49 -7.61 -20.67 21.00
C ASN A 49 -6.32 -20.38 20.25
N ILE A 50 -6.46 -19.85 19.02
CA ILE A 50 -5.37 -19.48 18.12
C ILE A 50 -4.32 -18.62 18.85
N GLU A 51 -4.77 -17.60 19.61
CA GLU A 51 -3.91 -16.65 20.32
C GLU A 51 -3.03 -17.31 21.38
N SER A 52 -3.47 -18.44 21.98
CA SER A 52 -2.75 -19.18 23.03
C SER A 52 -1.98 -20.40 22.52
N ARG A 53 -2.50 -21.05 21.47
CA ARG A 53 -1.90 -22.25 20.86
C ARG A 53 -0.76 -21.88 19.95
N SER A 54 -0.70 -20.60 19.53
CA SER A 54 0.34 -20.08 18.67
C SER A 54 1.72 -20.13 19.35
N THR A 55 2.79 -20.39 18.58
CA THR A 55 4.19 -20.37 19.07
C THR A 55 4.61 -18.90 19.30
N SER A 56 3.84 -17.96 18.76
CA SER A 56 4.01 -16.53 18.97
C SER A 56 2.66 -16.06 19.59
N PRO A 57 2.35 -16.47 20.86
CA PRO A 57 1.04 -16.15 21.43
C PRO A 57 0.77 -14.67 21.65
N TRP A 58 -0.50 -14.29 21.64
CA TRP A 58 -0.85 -12.90 21.84
C TRP A 58 -2.02 -12.73 22.79
N ASN A 59 -2.16 -11.51 23.31
CA ASN A 59 -3.23 -11.12 24.21
C ASN A 59 -4.05 -10.06 23.48
N TYR A 60 -5.32 -9.90 23.84
CA TYR A 60 -6.21 -8.92 23.22
C TYR A 60 -6.56 -7.82 24.20
N THR A 61 -6.74 -6.60 23.67
CA THR A 61 -7.15 -5.41 24.41
C THR A 61 -8.36 -4.83 23.66
N VAL A 62 -9.54 -4.89 24.31
CA VAL A 62 -10.78 -4.39 23.74
C VAL A 62 -10.84 -2.88 23.95
N THR A 63 -10.73 -2.10 22.86
CA THR A 63 -10.81 -0.63 22.89
C THR A 63 -12.29 -0.29 22.61
N TRP A 64 -12.87 0.67 23.34
CA TRP A 64 -14.28 1.01 23.15
C TRP A 64 -14.47 2.50 22.85
N ASP A 65 -15.31 2.78 21.82
CA ASP A 65 -15.67 4.14 21.43
C ASP A 65 -17.15 4.13 20.98
N PRO A 66 -18.08 4.76 21.73
CA PRO A 66 -19.50 4.70 21.32
C PRO A 66 -19.84 5.50 20.05
N ASN A 67 -18.99 6.47 19.68
CA ASN A 67 -19.19 7.26 18.46
C ASN A 67 -18.38 6.70 17.27
N ARG A 68 -17.97 5.43 17.38
CA ARG A 68 -17.26 4.73 16.33
C ARG A 68 -18.04 3.45 15.99
N TYR A 69 -18.08 3.11 14.70
CA TYR A 69 -18.66 1.86 14.23
C TYR A 69 -17.59 1.10 13.43
N PRO A 70 -17.16 -0.10 13.89
CA PRO A 70 -17.54 -0.81 15.14
C PRO A 70 -17.06 -0.11 16.41
N SER A 71 -17.88 -0.14 17.45
CA SER A 71 -17.57 0.48 18.76
C SER A 71 -16.42 -0.20 19.45
N GLU A 72 -16.35 -1.53 19.32
CA GLU A 72 -15.27 -2.32 19.89
C GLU A 72 -14.24 -2.62 18.82
N VAL A 73 -13.01 -2.20 19.05
CA VAL A 73 -11.88 -2.50 18.18
C VAL A 73 -10.89 -3.24 19.06
N VAL A 74 -10.69 -4.52 18.76
CA VAL A 74 -9.80 -5.40 19.50
C VAL A 74 -8.39 -5.27 18.95
N GLN A 75 -7.45 -4.97 19.85
CA GLN A 75 -6.03 -4.80 19.53
C GLN A 75 -5.22 -5.94 20.13
N ALA A 76 -4.40 -6.63 19.30
CA ALA A 76 -3.56 -7.73 19.79
C ALA A 76 -2.18 -7.23 20.17
N GLN A 77 -1.58 -7.92 21.11
CA GLN A 77 -0.23 -7.60 21.57
C GLN A 77 0.46 -8.92 21.76
N CYS A 78 1.66 -9.07 21.18
CA CYS A 78 2.45 -10.30 21.36
C CYS A 78 2.77 -10.47 22.83
N ARG A 79 2.63 -11.70 23.35
CA ARG A 79 2.92 -12.02 24.74
C ARG A 79 4.41 -12.04 25.07
N ASN A 80 5.27 -12.40 24.10
CA ASN A 80 6.72 -12.51 24.31
C ASN A 80 7.55 -11.86 23.20
N LEU A 81 8.86 -11.71 23.43
CA LEU A 81 9.76 -11.20 22.41
C LEU A 81 10.10 -12.38 21.48
N GLY A 82 10.43 -13.52 22.10
CA GLY A 82 10.74 -14.76 21.40
C GLY A 82 9.51 -15.59 21.11
N CYS A 83 9.72 -16.78 20.59
CA CYS A 83 8.63 -17.71 20.29
C CYS A 83 8.68 -18.87 21.29
N ILE A 84 7.55 -19.54 21.52
CA ILE A 84 7.47 -20.65 22.48
C ILE A 84 7.84 -21.98 21.80
N ASN A 85 8.83 -22.70 22.36
CA ASN A 85 9.28 -23.96 21.78
C ASN A 85 8.42 -25.15 22.23
N ALA A 86 8.73 -26.35 21.70
CA ALA A 86 8.06 -27.63 21.95
C ALA A 86 7.96 -27.99 23.45
N GLN A 87 8.92 -27.52 24.25
CA GLN A 87 8.98 -27.76 25.70
C GLN A 87 8.19 -26.73 26.52
N GLY A 88 7.64 -25.73 25.84
CA GLY A 88 6.86 -24.66 26.45
C GLY A 88 7.68 -23.51 26.97
N LYS A 89 8.96 -23.43 26.53
CA LYS A 89 9.89 -22.39 26.97
C LYS A 89 10.11 -21.33 25.89
N GLU A 90 10.49 -20.11 26.31
CA GLU A 90 10.75 -19.03 25.37
C GLU A 90 12.06 -19.26 24.62
N ASP A 91 12.04 -19.01 23.32
CA ASP A 91 13.18 -19.15 22.41
C ASP A 91 13.47 -17.75 21.83
N ILE A 92 14.55 -17.12 22.30
CA ILE A 92 14.93 -15.76 21.89
C ILE A 92 15.70 -15.72 20.54
N SER A 93 15.99 -16.89 19.95
CA SER A 93 16.62 -17.00 18.62
C SER A 93 15.56 -16.72 17.52
N MET A 94 14.27 -16.70 17.89
CA MET A 94 13.14 -16.42 17.00
C MET A 94 12.35 -15.26 17.59
N ASN A 95 11.59 -14.53 16.77
CA ASN A 95 10.81 -13.41 17.29
C ASN A 95 9.34 -13.50 17.04
N SER A 96 8.54 -13.16 18.06
CA SER A 96 7.10 -13.01 17.92
C SER A 96 6.94 -11.60 17.37
N VAL A 97 6.26 -11.45 16.24
CA VAL A 97 6.06 -10.14 15.64
C VAL A 97 4.58 -9.89 15.32
N PRO A 98 4.08 -8.66 15.55
CA PRO A 98 2.67 -8.39 15.25
C PRO A 98 2.36 -8.32 13.76
N ILE A 99 1.13 -8.68 13.41
CA ILE A 99 0.61 -8.53 12.05
C ILE A 99 -0.41 -7.39 12.18
N GLN A 100 -0.16 -6.31 11.47
CA GLN A 100 -0.99 -5.11 11.52
C GLN A 100 -1.73 -4.96 10.21
N GLN A 101 -2.99 -4.55 10.28
CA GLN A 101 -3.81 -4.37 9.09
C GLN A 101 -4.60 -3.09 9.19
N GLU A 102 -4.70 -2.39 8.05
CA GLU A 102 -5.45 -1.15 7.88
C GLU A 102 -6.92 -1.50 7.76
N THR A 103 -7.76 -0.75 8.45
CA THR A 103 -9.21 -0.95 8.38
C THR A 103 -9.93 0.40 8.36
N LEU A 104 -11.18 0.38 7.97
CA LEU A 104 -12.03 1.55 8.03
C LEU A 104 -13.09 1.34 9.09
N VAL A 105 -13.32 2.40 9.87
CA VAL A 105 -14.37 2.47 10.88
C VAL A 105 -15.14 3.72 10.50
N VAL A 106 -16.32 3.90 11.06
CA VAL A 106 -17.14 5.08 10.82
C VAL A 106 -17.19 5.88 12.11
N ARG A 107 -16.89 7.18 12.02
CA ARG A 107 -17.02 8.11 13.12
C ARG A 107 -18.35 8.84 12.98
N ARG A 108 -19.13 8.81 14.06
CA ARG A 108 -20.41 9.48 14.20
C ARG A 108 -20.12 10.92 14.66
N LYS A 109 -20.70 11.90 13.94
CA LYS A 109 -20.49 13.31 14.24
C LYS A 109 -21.80 14.00 14.52
N HIS A 110 -21.72 15.08 15.33
CA HIS A 110 -22.86 15.89 15.76
C HIS A 110 -23.86 15.04 16.55
N GLN A 111 -25.12 15.46 16.60
CA GLN A 111 -26.14 14.78 17.38
C GLN A 111 -27.53 14.94 16.81
N GLY A 112 -28.45 14.08 17.26
CA GLY A 112 -29.85 14.08 16.88
C GLY A 112 -30.09 14.09 15.39
N CYS A 113 -30.80 15.13 14.91
CA CYS A 113 -31.13 15.30 13.50
C CYS A 113 -29.93 15.73 12.65
N SER A 114 -28.92 16.36 13.27
CA SER A 114 -27.69 16.86 12.61
C SER A 114 -26.59 15.79 12.46
N VAL A 115 -26.87 14.54 12.90
CA VAL A 115 -25.90 13.45 12.82
C VAL A 115 -25.31 13.26 11.38
N SER A 116 -23.98 13.15 11.31
CA SER A 116 -23.25 12.89 10.07
C SER A 116 -22.19 11.86 10.35
N PHE A 117 -21.63 11.27 9.30
CA PHE A 117 -20.67 10.19 9.44
C PHE A 117 -19.44 10.45 8.63
N GLN A 118 -18.30 9.99 9.13
CA GLN A 118 -17.06 10.18 8.42
C GLN A 118 -16.21 8.94 8.57
N LEU A 119 -15.54 8.55 7.48
CA LEU A 119 -14.68 7.38 7.50
C LEU A 119 -13.40 7.69 8.24
N GLU A 120 -12.87 6.66 8.90
CA GLU A 120 -11.66 6.79 9.70
C GLU A 120 -10.82 5.54 9.54
N LYS A 121 -9.53 5.75 9.35
CA LYS A 121 -8.57 4.69 9.17
C LYS A 121 -8.00 4.31 10.53
N VAL A 122 -8.09 3.02 10.86
CA VAL A 122 -7.58 2.46 12.11
C VAL A 122 -6.60 1.34 11.76
N LEU A 123 -5.45 1.32 12.43
CA LEU A 123 -4.46 0.26 12.26
C LEU A 123 -4.73 -0.74 13.36
N VAL A 124 -5.04 -1.95 12.97
CA VAL A 124 -5.37 -3.00 13.89
C VAL A 124 -4.28 -4.07 13.87
N THR A 125 -3.75 -4.40 15.05
CA THR A 125 -2.83 -5.52 15.21
C THR A 125 -3.78 -6.69 15.48
N VAL A 126 -3.81 -7.66 14.56
CA VAL A 126 -4.77 -8.78 14.55
C VAL A 126 -4.22 -10.02 15.27
N GLY A 127 -2.90 -10.19 15.22
CA GLY A 127 -2.24 -11.32 15.85
C GLY A 127 -0.76 -11.25 15.65
N CYS A 128 -0.05 -12.32 16.01
CA CYS A 128 1.39 -12.38 15.90
C CYS A 128 1.80 -13.61 15.15
N THR A 129 3.01 -13.57 14.59
CA THR A 129 3.61 -14.67 13.87
C THR A 129 5.03 -14.85 14.38
N CYS A 130 5.62 -16.00 14.11
CA CYS A 130 6.99 -16.26 14.53
C CYS A 130 7.93 -16.09 13.35
N VAL A 131 8.89 -15.17 13.47
CA VAL A 131 9.85 -14.92 12.39
C VAL A 131 11.30 -15.20 12.79
N THR A 132 12.12 -15.49 11.78
CA THR A 132 13.57 -15.58 11.91
C THR A 132 14.02 -14.11 11.99
N PRO A 133 14.89 -13.72 12.96
CA PRO A 133 15.29 -12.31 13.05
C PRO A 133 16.16 -11.85 11.88
N VAL A 134 16.13 -10.55 11.60
CA VAL A 134 16.94 -9.93 10.56
C VAL A 134 17.90 -8.97 11.22
N ILE A 135 19.15 -8.95 10.75
CA ILE A 135 20.12 -7.99 11.25
C ILE A 135 20.00 -6.84 10.26
N HIS A 136 19.29 -5.77 10.64
CA HIS A 136 19.06 -4.60 9.79
C HIS A 136 20.36 -3.85 9.46
N HIS A 137 20.46 -3.33 8.22
CA HIS A 137 21.61 -2.54 7.78
C HIS A 137 21.59 -1.14 8.35
N VAL A 138 20.38 -0.62 8.65
CA VAL A 138 20.18 0.68 9.30
C VAL A 138 19.47 0.41 10.64
N GLN A 139 20.15 0.77 11.73
CA GLN A 139 19.70 0.55 13.11
C GLN A 139 18.66 1.55 13.61
N GLY B 13 -25.83 -3.47 12.87
CA GLY B 13 -26.04 -2.49 13.93
C GLY B 13 -26.56 -1.18 13.37
N HIS B 14 -27.90 -1.06 13.28
CA HIS B 14 -28.57 0.09 12.69
C HIS B 14 -28.60 1.36 13.56
N THR B 15 -28.88 1.26 14.88
CA THR B 15 -29.06 2.39 15.83
C THR B 15 -27.99 3.48 15.69
N PHE B 16 -26.71 3.09 15.57
CA PHE B 16 -25.56 3.99 15.38
C PHE B 16 -25.80 4.95 14.20
N PHE B 17 -26.45 4.46 13.13
CA PHE B 17 -26.72 5.19 11.89
C PHE B 17 -28.09 5.84 11.81
N GLN B 18 -28.89 5.77 12.87
CA GLN B 18 -30.25 6.29 12.80
C GLN B 18 -30.44 7.68 13.40
N LYS B 19 -31.59 8.26 13.14
CA LYS B 19 -32.03 9.55 13.65
C LYS B 19 -33.34 9.35 14.39
N PRO B 20 -33.70 10.22 15.38
CA PRO B 20 -35.06 10.11 15.98
C PRO B 20 -36.13 10.26 14.88
N GLU B 21 -37.27 9.54 15.03
CA GLU B 21 -38.38 9.52 14.06
C GLU B 21 -38.94 10.90 13.69
N SER B 22 -38.95 11.83 14.66
CA SER B 22 -39.46 13.20 14.52
C SER B 22 -38.56 14.13 13.69
N CYS B 23 -37.32 13.70 13.37
CA CYS B 23 -36.40 14.48 12.53
C CYS B 23 -36.98 14.72 11.14
N PRO B 24 -36.75 15.91 10.50
CA PRO B 24 -37.29 16.12 9.15
C PRO B 24 -36.83 15.04 8.17
N PRO B 25 -37.74 14.51 7.30
CA PRO B 25 -37.33 13.43 6.39
C PRO B 25 -36.33 13.84 5.32
N VAL B 26 -35.38 12.95 5.04
CA VAL B 26 -34.37 13.11 4.00
C VAL B 26 -34.80 12.17 2.86
N PRO B 27 -35.17 12.72 1.67
CA PRO B 27 -35.64 11.86 0.56
C PRO B 27 -34.58 10.85 0.10
N GLY B 28 -34.94 9.57 0.19
CA GLY B 28 -34.07 8.45 -0.17
C GLY B 28 -33.63 7.63 1.03
N GLY B 29 -33.83 8.19 2.24
CA GLY B 29 -33.46 7.56 3.50
C GLY B 29 -31.96 7.51 3.74
N SER B 30 -31.18 8.21 2.88
CA SER B 30 -29.73 8.26 2.97
C SER B 30 -29.22 9.16 4.08
N MET B 31 -28.07 8.76 4.62
CA MET B 31 -27.38 9.43 5.70
C MET B 31 -26.30 10.31 5.12
N LYS B 32 -25.80 11.24 5.91
CA LYS B 32 -24.81 12.22 5.50
C LYS B 32 -23.40 11.68 5.73
N LEU B 33 -22.63 11.53 4.62
CA LEU B 33 -21.24 11.10 4.68
C LEU B 33 -20.34 12.31 4.38
N ASP B 34 -19.60 12.76 5.40
CA ASP B 34 -18.69 13.90 5.29
C ASP B 34 -17.39 13.54 4.55
N ILE B 35 -16.80 14.53 3.85
CA ILE B 35 -15.54 14.40 3.09
C ILE B 35 -14.32 14.14 3.98
N GLY B 36 -13.36 13.41 3.45
CA GLY B 36 -12.09 13.14 4.11
C GLY B 36 -12.06 11.89 4.96
N ILE B 37 -10.87 11.26 5.01
CA ILE B 37 -10.62 10.09 5.84
C ILE B 37 -9.84 10.56 7.05
N ILE B 38 -10.38 10.32 8.27
CA ILE B 38 -9.70 10.66 9.53
C ILE B 38 -8.48 9.72 9.68
N ASN B 39 -7.34 10.30 10.08
CA ASN B 39 -6.05 9.62 10.33
C ASN B 39 -5.60 8.80 9.11
N GLU B 40 -5.74 9.39 7.92
CA GLU B 40 -5.34 8.80 6.63
C GLU B 40 -3.81 8.71 6.50
N ASN B 41 -3.06 9.58 7.22
CA ASN B 41 -1.58 9.65 7.22
C ASN B 41 -0.88 8.41 7.83
N GLN B 42 -1.63 7.59 8.61
CA GLN B 42 -1.11 6.40 9.27
C GLN B 42 -0.61 5.38 8.27
N ARG B 43 0.52 4.75 8.58
CA ARG B 43 1.07 3.70 7.73
C ARG B 43 1.31 2.46 8.56
N VAL B 44 0.98 1.28 7.98
CA VAL B 44 1.19 -0.02 8.61
C VAL B 44 2.70 -0.23 8.90
N SER B 45 3.03 -0.55 10.15
CA SER B 45 4.36 -0.86 10.63
C SER B 45 4.44 -2.37 10.86
N MET B 46 5.11 -3.09 9.93
CA MET B 46 5.30 -4.54 10.00
C MET B 46 6.69 -4.94 9.57
N SER B 47 7.24 -5.97 10.22
CA SER B 47 8.55 -6.54 9.88
C SER B 47 8.66 -6.76 8.37
N ARG B 48 9.79 -6.36 7.79
CA ARG B 48 10.08 -6.52 6.36
C ARG B 48 10.08 -8.03 6.05
N ASN B 49 9.41 -8.43 4.95
CA ASN B 49 9.31 -9.82 4.49
C ASN B 49 8.74 -10.77 5.54
N ILE B 50 7.86 -10.26 6.41
CA ILE B 50 7.17 -11.01 7.47
C ILE B 50 6.53 -12.32 6.92
N GLU B 51 5.93 -12.27 5.73
CA GLU B 51 5.18 -13.35 5.09
C GLU B 51 6.05 -14.50 4.66
N SER B 52 7.35 -14.26 4.43
CA SER B 52 8.24 -15.33 4.02
C SER B 52 9.23 -15.66 5.13
N ARG B 53 9.43 -14.75 6.11
CA ARG B 53 10.33 -15.00 7.26
C ARG B 53 9.62 -15.76 8.39
N SER B 54 8.29 -15.77 8.35
CA SER B 54 7.45 -16.48 9.31
C SER B 54 7.66 -18.00 9.21
N THR B 55 7.53 -18.72 10.34
CA THR B 55 7.58 -20.19 10.37
C THR B 55 6.25 -20.73 9.78
N SER B 56 5.24 -19.85 9.64
CA SER B 56 3.95 -20.19 9.00
C SER B 56 3.82 -19.23 7.85
N PRO B 57 4.70 -19.34 6.81
CA PRO B 57 4.71 -18.30 5.77
C PRO B 57 3.45 -18.27 4.95
N TRP B 58 3.21 -17.14 4.29
CA TRP B 58 2.00 -17.00 3.51
C TRP B 58 2.26 -16.27 2.23
N ASN B 59 1.35 -16.45 1.29
CA ASN B 59 1.27 -15.74 0.03
C ASN B 59 0.25 -14.60 0.18
N TYR B 60 0.39 -13.56 -0.63
CA TYR B 60 -0.58 -12.46 -0.64
C TYR B 60 -1.22 -12.43 -2.03
N THR B 61 -2.49 -12.10 -2.08
CA THR B 61 -3.24 -11.89 -3.31
C THR B 61 -3.79 -10.49 -3.17
N VAL B 62 -3.51 -9.63 -4.14
CA VAL B 62 -4.04 -8.27 -4.12
C VAL B 62 -5.37 -8.25 -4.88
N THR B 63 -6.46 -8.36 -4.14
CA THR B 63 -7.81 -8.35 -4.75
C THR B 63 -8.12 -6.92 -5.15
N TRP B 64 -8.75 -6.76 -6.29
CA TRP B 64 -9.03 -5.46 -6.84
C TRP B 64 -10.51 -5.33 -7.21
N ASP B 65 -11.08 -4.19 -6.90
CA ASP B 65 -12.46 -3.87 -7.21
C ASP B 65 -12.55 -2.34 -7.37
N PRO B 66 -12.76 -1.85 -8.62
CA PRO B 66 -12.79 -0.39 -8.85
C PRO B 66 -14.00 0.35 -8.28
N ASN B 67 -14.99 -0.39 -7.75
CA ASN B 67 -16.18 0.18 -7.13
C ASN B 67 -16.10 0.10 -5.62
N ARG B 68 -14.96 -0.30 -5.13
CA ARG B 68 -14.73 -0.46 -3.72
C ARG B 68 -13.61 0.48 -3.25
N TYR B 69 -13.75 1.02 -2.05
CA TYR B 69 -12.72 1.81 -1.40
C TYR B 69 -12.41 1.11 -0.05
N PRO B 70 -11.16 0.71 0.19
CA PRO B 70 -10.00 0.72 -0.73
C PRO B 70 -10.19 -0.28 -1.88
N SER B 71 -9.75 0.10 -3.09
CA SER B 71 -9.90 -0.72 -4.29
C SER B 71 -9.09 -1.99 -4.16
N GLU B 72 -7.94 -1.89 -3.48
CA GLU B 72 -7.03 -3.02 -3.25
C GLU B 72 -7.20 -3.53 -1.83
N VAL B 73 -7.53 -4.82 -1.71
CA VAL B 73 -7.69 -5.52 -0.43
C VAL B 73 -6.80 -6.76 -0.54
N VAL B 74 -5.74 -6.76 0.24
CA VAL B 74 -4.75 -7.81 0.21
C VAL B 74 -5.22 -8.98 1.06
N GLN B 75 -5.31 -10.18 0.46
CA GLN B 75 -5.73 -11.41 1.12
C GLN B 75 -4.55 -12.38 1.24
N ALA B 76 -4.36 -12.98 2.42
CA ALA B 76 -3.27 -13.92 2.67
C ALA B 76 -3.72 -15.37 2.56
N GLN B 77 -2.80 -16.26 2.15
CA GLN B 77 -3.04 -17.71 2.03
CA GLN B 77 -3.05 -17.71 2.06
C GLN B 77 -1.81 -18.39 2.60
N CYS B 78 -1.98 -19.30 3.59
CA CYS B 78 -0.83 -20.02 4.16
C CYS B 78 -0.19 -20.84 3.07
N ARG B 79 1.14 -20.77 2.97
CA ARG B 79 1.88 -21.52 1.97
C ARG B 79 1.97 -23.04 2.28
N ASN B 80 1.87 -23.41 3.57
CA ASN B 80 2.03 -24.80 4.01
C ASN B 80 0.98 -25.19 5.02
N LEU B 81 0.80 -26.49 5.22
CA LEU B 81 -0.10 -27.02 6.25
C LEU B 81 0.66 -27.05 7.57
N GLY B 82 1.94 -27.44 7.51
CA GLY B 82 2.82 -27.47 8.66
C GLY B 82 3.55 -26.16 8.86
N CYS B 83 4.55 -26.15 9.72
CA CYS B 83 5.37 -24.96 9.98
C CYS B 83 6.83 -25.23 9.60
N ILE B 84 7.61 -24.18 9.34
CA ILE B 84 9.00 -24.30 8.92
C ILE B 84 9.93 -24.25 10.11
N ASN B 85 10.79 -25.27 10.24
CA ASN B 85 11.75 -25.36 11.35
C ASN B 85 13.02 -24.54 11.06
N ALA B 86 14.00 -24.52 12.01
CA ALA B 86 15.27 -23.79 11.88
C ALA B 86 16.09 -24.20 10.65
N GLN B 87 16.00 -25.49 10.26
CA GLN B 87 16.68 -26.09 9.12
C GLN B 87 16.07 -25.73 7.76
N GLY B 88 14.94 -25.05 7.77
CA GLY B 88 14.24 -24.65 6.55
C GLY B 88 13.30 -25.72 6.02
N LYS B 89 13.01 -26.73 6.84
CA LYS B 89 12.15 -27.84 6.46
C LYS B 89 10.76 -27.72 7.07
N GLU B 90 9.76 -28.32 6.41
CA GLU B 90 8.39 -28.33 6.91
C GLU B 90 8.20 -29.42 7.96
N ASP B 91 7.57 -29.05 9.06
CA ASP B 91 7.23 -29.95 10.17
C ASP B 91 5.70 -29.97 10.12
N ILE B 92 5.14 -31.06 9.58
CA ILE B 92 3.70 -31.26 9.39
C ILE B 92 2.98 -31.59 10.73
N SER B 93 3.75 -31.69 11.84
CA SER B 93 3.20 -31.94 13.18
C SER B 93 2.76 -30.64 13.84
N MET B 94 3.12 -29.49 13.24
CA MET B 94 2.70 -28.16 13.67
C MET B 94 1.78 -27.65 12.57
N ASN B 95 0.90 -26.69 12.86
CA ASN B 95 -0.02 -26.21 11.83
C ASN B 95 0.12 -24.74 11.54
N SER B 96 0.17 -24.38 10.23
CA SER B 96 0.11 -22.97 9.82
C SER B 96 -1.38 -22.69 9.74
N VAL B 97 -1.84 -21.67 10.47
CA VAL B 97 -3.27 -21.36 10.47
C VAL B 97 -3.49 -19.89 10.12
N PRO B 98 -4.55 -19.56 9.33
CA PRO B 98 -4.78 -18.16 8.99
C PRO B 98 -5.32 -17.30 10.14
N ILE B 99 -4.96 -16.04 10.12
CA ILE B 99 -5.45 -15.02 11.04
C ILE B 99 -6.39 -14.14 10.21
N GLN B 100 -7.66 -14.09 10.63
CA GLN B 100 -8.72 -13.37 9.93
C GLN B 100 -9.26 -12.20 10.74
N GLN B 101 -9.53 -11.09 10.06
CA GLN B 101 -9.98 -9.83 10.65
C GLN B 101 -11.19 -9.32 9.89
N GLU B 102 -12.18 -8.82 10.62
CA GLU B 102 -13.36 -8.21 10.03
C GLU B 102 -13.01 -6.78 9.69
N THR B 103 -13.31 -6.34 8.47
CA THR B 103 -13.04 -4.95 8.10
C THR B 103 -14.25 -4.34 7.45
N LEU B 104 -14.25 -3.03 7.28
CA LEU B 104 -15.28 -2.35 6.52
C LEU B 104 -14.64 -1.70 5.34
N VAL B 105 -15.33 -1.76 4.21
CA VAL B 105 -14.92 -1.08 2.97
C VAL B 105 -16.15 -0.29 2.54
N VAL B 106 -15.98 0.54 1.51
CA VAL B 106 -17.09 1.35 0.99
C VAL B 106 -17.36 0.94 -0.46
N ARG B 107 -18.61 0.64 -0.78
CA ARG B 107 -19.00 0.33 -2.15
C ARG B 107 -19.67 1.55 -2.77
N ARG B 108 -19.24 1.90 -3.98
CA ARG B 108 -19.84 2.98 -4.77
C ARG B 108 -21.03 2.35 -5.53
N LYS B 109 -22.19 3.01 -5.47
CA LYS B 109 -23.41 2.58 -6.15
C LYS B 109 -23.90 3.67 -7.08
N HIS B 110 -24.61 3.25 -8.14
CA HIS B 110 -25.23 4.10 -9.19
C HIS B 110 -24.19 4.85 -10.02
N GLN B 111 -24.66 5.62 -11.00
CA GLN B 111 -23.77 6.35 -11.90
C GLN B 111 -24.08 7.83 -12.00
N GLY B 112 -23.04 8.59 -12.34
CA GLY B 112 -23.10 10.04 -12.53
C GLY B 112 -23.38 10.81 -11.26
N CYS B 113 -24.44 11.62 -11.30
CA CYS B 113 -24.85 12.49 -10.22
C CYS B 113 -25.63 11.77 -9.14
N SER B 114 -26.22 10.60 -9.45
CA SER B 114 -26.99 9.82 -8.48
C SER B 114 -26.11 8.84 -7.64
N VAL B 115 -24.78 9.09 -7.64
CA VAL B 115 -23.79 8.27 -6.94
C VAL B 115 -24.01 8.31 -5.41
N SER B 116 -23.95 7.11 -4.81
CA SER B 116 -24.06 6.94 -3.37
C SER B 116 -23.07 5.87 -2.92
N PHE B 117 -22.88 5.77 -1.62
CA PHE B 117 -21.92 4.90 -1.01
C PHE B 117 -22.60 4.02 0.00
N GLN B 118 -22.06 2.81 0.19
CA GLN B 118 -22.62 1.88 1.13
C GLN B 118 -21.54 1.10 1.80
N LEU B 119 -21.66 0.91 3.14
CA LEU B 119 -20.68 0.14 3.89
C LEU B 119 -20.78 -1.34 3.52
N GLU B 120 -19.64 -2.03 3.53
CA GLU B 120 -19.59 -3.43 3.20
C GLU B 120 -18.60 -4.14 4.11
N LYS B 121 -19.01 -5.27 4.68
CA LYS B 121 -18.17 -6.07 5.54
C LYS B 121 -17.29 -6.97 4.68
N VAL B 122 -15.97 -6.95 4.93
CA VAL B 122 -15.01 -7.81 4.22
C VAL B 122 -14.18 -8.57 5.25
N LEU B 123 -14.07 -9.90 5.12
CA LEU B 123 -13.20 -10.67 6.02
C LEU B 123 -11.85 -10.74 5.34
N VAL B 124 -10.82 -10.30 6.05
CA VAL B 124 -9.47 -10.26 5.52
C VAL B 124 -8.57 -11.26 6.23
N THR B 125 -7.96 -12.19 5.47
CA THR B 125 -6.92 -13.05 6.02
C THR B 125 -5.64 -12.22 5.92
N VAL B 126 -5.08 -11.86 7.05
CA VAL B 126 -3.95 -10.94 7.14
C VAL B 126 -2.60 -11.65 7.13
N GLY B 127 -2.60 -12.89 7.51
CA GLY B 127 -1.38 -13.68 7.59
C GLY B 127 -1.65 -14.97 8.27
N CYS B 128 -0.58 -15.66 8.67
CA CYS B 128 -0.69 -16.96 9.30
C CYS B 128 0.17 -17.01 10.53
N THR B 129 -0.19 -17.91 11.44
CA THR B 129 0.55 -18.18 12.67
C THR B 129 0.76 -19.68 12.77
N CYS B 130 1.72 -20.09 13.60
CA CYS B 130 2.02 -21.51 13.82
C CYS B 130 1.39 -21.94 15.13
N VAL B 131 0.52 -22.95 15.08
CA VAL B 131 -0.13 -23.47 16.28
C VAL B 131 0.22 -24.95 16.52
N THR B 132 0.20 -25.35 17.79
CA THR B 132 0.37 -26.75 18.18
C THR B 132 -1.04 -27.36 17.94
N PRO B 133 -1.16 -28.48 17.19
CA PRO B 133 -2.50 -29.09 16.99
C PRO B 133 -3.15 -29.54 18.31
N VAL B 134 -4.48 -29.66 18.30
CA VAL B 134 -5.25 -30.09 19.47
C VAL B 134 -5.70 -31.55 19.33
N PRO C 10 -12.46 -18.75 2.48
CA PRO C 10 -13.39 -18.28 1.44
C PRO C 10 -12.78 -18.26 0.03
N LYS C 11 -13.61 -17.92 -0.98
CA LYS C 11 -13.19 -17.81 -2.39
C LYS C 11 -12.55 -16.43 -2.60
N VAL C 12 -11.22 -16.40 -2.78
CA VAL C 12 -10.41 -15.17 -2.94
C VAL C 12 -10.82 -14.39 -4.22
N GLY C 13 -11.08 -13.09 -4.05
CA GLY C 13 -11.46 -12.18 -5.12
C GLY C 13 -10.40 -12.03 -6.19
N HIS C 14 -10.82 -11.59 -7.36
CA HIS C 14 -9.97 -11.38 -8.52
C HIS C 14 -8.95 -10.25 -8.31
N THR C 15 -7.78 -10.41 -8.92
CA THR C 15 -6.77 -9.36 -8.90
C THR C 15 -7.13 -8.38 -10.05
N PHE C 16 -6.34 -7.33 -10.18
CA PHE C 16 -6.43 -6.35 -11.26
C PHE C 16 -6.16 -7.02 -12.64
N PHE C 17 -5.39 -8.12 -12.67
CA PHE C 17 -4.97 -8.74 -13.91
C PHE C 17 -5.85 -9.91 -14.38
N GLN C 18 -6.80 -10.34 -13.58
CA GLN C 18 -7.66 -11.47 -13.91
C GLN C 18 -8.85 -11.13 -14.82
N LYS C 19 -9.19 -12.12 -15.66
CA LYS C 19 -10.27 -12.20 -16.64
C LYS C 19 -11.27 -13.19 -16.06
N PRO C 20 -12.56 -13.20 -16.46
CA PRO C 20 -13.46 -14.27 -15.99
C PRO C 20 -12.86 -15.64 -16.27
N GLU C 21 -13.04 -16.56 -15.34
CA GLU C 21 -12.50 -17.93 -15.38
C GLU C 21 -12.95 -18.75 -16.60
N SER C 22 -14.11 -18.41 -17.20
CA SER C 22 -14.68 -19.07 -18.38
C SER C 22 -14.22 -18.47 -19.73
N CYS C 23 -13.18 -17.63 -19.74
CA CYS C 23 -12.71 -16.99 -20.98
C CYS C 23 -12.06 -17.97 -21.96
N PRO C 24 -12.23 -17.77 -23.31
CA PRO C 24 -11.59 -18.70 -24.27
C PRO C 24 -10.10 -18.93 -24.02
N PRO C 25 -9.58 -20.18 -24.22
CA PRO C 25 -8.17 -20.45 -23.88
C PRO C 25 -7.11 -19.60 -24.57
N VAL C 26 -6.01 -19.38 -23.85
CA VAL C 26 -4.82 -18.64 -24.28
C VAL C 26 -3.60 -19.49 -23.85
N PRO C 27 -2.80 -20.04 -24.80
CA PRO C 27 -1.64 -20.88 -24.42
C PRO C 27 -0.67 -20.19 -23.46
N GLY C 28 -0.22 -20.95 -22.46
CA GLY C 28 0.66 -20.48 -21.40
C GLY C 28 -0.10 -19.80 -20.27
N GLY C 29 -1.42 -19.63 -20.46
CA GLY C 29 -2.36 -19.01 -19.52
C GLY C 29 -2.03 -17.56 -19.21
N SER C 30 -1.39 -16.87 -20.16
CA SER C 30 -0.96 -15.50 -19.93
C SER C 30 -2.01 -14.46 -20.34
N MET C 31 -1.67 -13.19 -20.09
CA MET C 31 -2.51 -12.04 -20.34
C MET C 31 -1.96 -11.22 -21.50
N LYS C 32 -2.77 -10.29 -21.97
CA LYS C 32 -2.48 -9.45 -23.11
C LYS C 32 -1.80 -8.13 -22.72
N LEU C 33 -0.55 -7.94 -23.18
CA LEU C 33 0.18 -6.69 -22.96
C LEU C 33 0.19 -5.97 -24.30
N ASP C 34 -0.42 -4.78 -24.36
CA ASP C 34 -0.49 -4.00 -25.60
C ASP C 34 0.79 -3.20 -25.76
N ILE C 35 1.17 -2.96 -27.03
CA ILE C 35 2.37 -2.19 -27.41
C ILE C 35 2.23 -0.70 -27.10
N GLY C 36 3.37 -0.08 -26.78
CA GLY C 36 3.46 1.34 -26.51
C GLY C 36 3.38 1.71 -25.05
N ILE C 37 4.19 2.71 -24.64
CA ILE C 37 4.19 3.24 -23.28
C ILE C 37 3.37 4.55 -23.32
N ILE C 38 2.27 4.63 -22.56
CA ILE C 38 1.41 5.83 -22.49
C ILE C 38 2.22 6.96 -21.84
N ASN C 39 2.16 8.18 -22.42
CA ASN C 39 2.87 9.36 -21.93
C ASN C 39 4.38 9.15 -21.81
N GLU C 40 4.96 8.42 -22.79
CA GLU C 40 6.38 8.09 -22.85
C GLU C 40 7.23 9.34 -23.01
N ASN C 41 6.68 10.37 -23.68
CA ASN C 41 7.32 11.65 -23.99
C ASN C 41 7.85 12.42 -22.77
N GLN C 42 7.15 12.30 -21.62
CA GLN C 42 7.47 12.96 -20.34
C GLN C 42 8.91 12.75 -19.89
N ARG C 43 9.54 13.84 -19.40
CA ARG C 43 10.92 13.86 -18.90
C ARG C 43 10.96 14.42 -17.47
N VAL C 44 11.85 13.87 -16.61
CA VAL C 44 12.03 14.34 -15.24
C VAL C 44 12.68 15.75 -15.27
N SER C 45 12.08 16.71 -14.55
CA SER C 45 12.55 18.08 -14.43
C SER C 45 12.92 18.36 -12.97
N MET C 46 14.22 18.36 -12.69
CA MET C 46 14.75 18.62 -11.35
C MET C 46 15.85 19.67 -11.43
N SER C 47 16.18 20.30 -10.28
CA SER C 47 17.25 21.29 -10.18
C SER C 47 18.58 20.65 -10.61
N ARG C 48 19.44 21.41 -11.29
CA ARG C 48 20.74 20.93 -11.74
C ARG C 48 21.62 20.60 -10.53
N ASN C 49 22.28 19.43 -10.57
CA ASN C 49 23.16 18.91 -9.52
C ASN C 49 22.46 18.86 -8.14
N ILE C 50 21.18 18.44 -8.13
CA ILE C 50 20.33 18.29 -6.93
C ILE C 50 21.03 17.42 -5.86
N GLU C 51 21.67 16.31 -6.28
CA GLU C 51 22.35 15.33 -5.43
C GLU C 51 23.58 15.90 -4.71
N SER C 52 24.21 16.95 -5.27
CA SER C 52 25.40 17.59 -4.71
C SER C 52 25.08 18.88 -3.97
N ARG C 53 24.09 19.65 -4.47
CA ARG C 53 23.65 20.93 -3.90
C ARG C 53 22.82 20.77 -2.62
N SER C 54 22.26 19.57 -2.39
CA SER C 54 21.45 19.24 -1.22
C SER C 54 22.25 19.33 0.08
N THR C 55 21.57 19.74 1.19
CA THR C 55 22.11 19.78 2.56
C THR C 55 22.22 18.31 3.05
N SER C 56 21.53 17.39 2.37
CA SER C 56 21.56 15.93 2.57
C SER C 56 22.01 15.36 1.22
N PRO C 57 23.30 15.54 0.83
CA PRO C 57 23.74 15.09 -0.50
C PRO C 57 23.73 13.58 -0.66
N TRP C 58 23.71 13.12 -1.92
CA TRP C 58 23.69 11.68 -2.19
C TRP C 58 24.46 11.28 -3.44
N ASN C 59 24.83 10.00 -3.50
CA ASN C 59 25.53 9.37 -4.63
C ASN C 59 24.52 8.48 -5.34
N TYR C 60 24.76 8.22 -6.63
CA TYR C 60 23.93 7.35 -7.44
C TYR C 60 24.68 6.05 -7.82
N THR C 61 24.01 4.91 -7.66
CA THR C 61 24.52 3.59 -8.05
C THR C 61 23.61 3.10 -9.18
N VAL C 62 24.16 3.06 -10.40
CA VAL C 62 23.45 2.62 -11.61
C VAL C 62 23.61 1.11 -11.74
N THR C 63 22.48 0.37 -11.66
CA THR C 63 22.46 -1.09 -11.83
C THR C 63 21.89 -1.39 -13.23
N TRP C 64 22.41 -2.42 -13.90
CA TRP C 64 21.99 -2.77 -15.26
C TRP C 64 21.63 -4.23 -15.43
N ASP C 65 20.50 -4.46 -16.10
CA ASP C 65 19.96 -5.78 -16.41
C ASP C 65 19.36 -5.69 -17.82
N PRO C 66 20.00 -6.34 -18.83
CA PRO C 66 19.49 -6.23 -20.21
C PRO C 66 18.09 -6.79 -20.41
N ASN C 67 17.68 -7.75 -19.54
CA ASN C 67 16.36 -8.37 -19.61
C ASN C 67 15.35 -7.72 -18.68
N ARG C 68 15.59 -6.44 -18.37
CA ARG C 68 14.71 -5.62 -17.57
C ARG C 68 14.44 -4.32 -18.31
N TYR C 69 13.22 -3.79 -18.20
CA TYR C 69 12.83 -2.50 -18.74
C TYR C 69 12.23 -1.64 -17.60
N PRO C 70 12.83 -0.46 -17.27
CA PRO C 70 14.09 0.10 -17.81
C PRO C 70 15.30 -0.77 -17.47
N SER C 71 16.30 -0.81 -18.36
CA SER C 71 17.51 -1.61 -18.17
C SER C 71 18.35 -1.06 -17.02
N GLU C 72 18.36 0.26 -16.88
CA GLU C 72 19.08 0.94 -15.82
C GLU C 72 18.10 1.41 -14.74
N VAL C 73 18.40 1.06 -13.49
CA VAL C 73 17.65 1.49 -12.32
C VAL C 73 18.71 2.12 -11.40
N VAL C 74 18.57 3.42 -11.15
CA VAL C 74 19.49 4.19 -10.33
C VAL C 74 19.05 4.13 -8.86
N GLN C 75 19.97 3.78 -7.97
CA GLN C 75 19.70 3.76 -6.53
C GLN C 75 20.54 4.83 -5.85
N ALA C 76 19.89 5.69 -5.06
CA ALA C 76 20.57 6.75 -4.32
C ALA C 76 21.00 6.26 -2.95
N GLN C 77 22.12 6.79 -2.46
CA GLN C 77 22.63 6.48 -1.14
C GLN C 77 23.11 7.80 -0.55
N CYS C 78 22.59 8.18 0.64
CA CYS C 78 22.99 9.42 1.35
C CYS C 78 24.48 9.36 1.61
N ARG C 79 25.18 10.46 1.27
CA ARG C 79 26.63 10.61 1.37
C ARG C 79 27.12 10.77 2.82
N ASN C 80 26.31 11.44 3.66
CA ASN C 80 26.66 11.73 5.05
C ASN C 80 25.61 11.24 6.04
N LEU C 81 25.98 11.13 7.32
CA LEU C 81 25.07 10.74 8.39
C LEU C 81 24.22 11.97 8.78
N GLY C 82 24.89 13.12 8.91
CA GLY C 82 24.27 14.38 9.25
C GLY C 82 23.95 15.21 8.02
N CYS C 83 23.64 16.48 8.24
CA CYS C 83 23.32 17.42 7.16
C CYS C 83 24.40 18.49 7.06
N ILE C 84 24.61 19.06 5.87
CA ILE C 84 25.62 20.08 5.61
C ILE C 84 25.03 21.49 5.79
N ASN C 85 25.71 22.33 6.61
CA ASN C 85 25.28 23.71 6.89
C ASN C 85 25.76 24.72 5.82
N ALA C 86 25.48 26.02 6.05
CA ALA C 86 25.85 27.14 5.15
C ALA C 86 27.37 27.23 4.96
N GLN C 87 28.13 27.01 6.05
CA GLN C 87 29.60 27.05 6.10
C GLN C 87 30.25 25.84 5.37
N GLY C 88 29.43 24.84 5.02
CA GLY C 88 29.87 23.62 4.35
C GLY C 88 30.31 22.52 5.30
N LYS C 89 30.06 22.71 6.61
CA LYS C 89 30.42 21.76 7.67
C LYS C 89 29.27 20.80 8.01
N GLU C 90 29.60 19.64 8.61
CA GLU C 90 28.60 18.62 8.95
C GLU C 90 27.92 18.84 10.32
N ASP C 91 26.61 19.12 10.28
CA ASP C 91 25.72 19.30 11.44
C ASP C 91 25.16 17.90 11.76
N ILE C 92 25.61 17.33 12.89
CA ILE C 92 25.24 15.98 13.35
C ILE C 92 23.83 15.96 14.00
N SER C 93 23.30 17.10 14.50
CA SER C 93 21.97 17.20 15.15
C SER C 93 20.77 16.85 14.23
N MET C 94 21.01 16.79 12.92
CA MET C 94 20.01 16.44 11.92
C MET C 94 20.56 15.26 11.13
N ASN C 95 19.70 14.55 10.37
CA ASN C 95 20.14 13.39 9.58
C ASN C 95 19.74 13.43 8.14
N SER C 96 20.63 12.94 7.27
CA SER C 96 20.33 12.74 5.85
C SER C 96 19.59 11.43 5.83
N VAL C 97 18.35 11.41 5.37
CA VAL C 97 17.56 10.19 5.34
C VAL C 97 17.08 9.90 3.92
N PRO C 98 17.12 8.61 3.51
CA PRO C 98 16.66 8.27 2.15
C PRO C 98 15.17 8.46 1.94
N ILE C 99 14.81 8.73 0.69
CA ILE C 99 13.43 8.83 0.24
C ILE C 99 13.24 7.69 -0.78
N GLN C 100 12.26 6.83 -0.52
CA GLN C 100 12.00 5.66 -1.34
C GLN C 100 10.70 5.78 -2.12
N GLN C 101 10.67 5.22 -3.34
CA GLN C 101 9.51 5.25 -4.23
C GLN C 101 9.29 3.89 -4.89
N GLU C 102 8.04 3.44 -4.91
CA GLU C 102 7.61 2.19 -5.55
C GLU C 102 7.54 2.43 -7.05
N THR C 103 8.05 1.47 -7.81
CA THR C 103 7.90 1.52 -9.26
C THR C 103 7.73 0.12 -9.81
N LEU C 104 7.27 0.04 -11.04
CA LEU C 104 7.19 -1.22 -11.75
C LEU C 104 8.22 -1.25 -12.84
N VAL C 105 8.82 -2.41 -13.04
CA VAL C 105 9.75 -2.66 -14.13
C VAL C 105 9.23 -3.90 -14.83
N VAL C 106 9.71 -4.14 -16.04
CA VAL C 106 9.29 -5.30 -16.80
C VAL C 106 10.48 -6.22 -16.94
N ARG C 107 10.25 -7.52 -16.75
CA ARG C 107 11.25 -8.56 -16.91
C ARG C 107 10.92 -9.34 -18.18
N ARG C 108 11.92 -9.47 -19.06
CA ARG C 108 11.79 -10.22 -20.31
C ARG C 108 12.13 -11.66 -19.98
N LYS C 109 11.25 -12.59 -20.33
CA LYS C 109 11.40 -14.01 -20.03
C LYS C 109 11.42 -14.82 -21.29
N HIS C 110 12.03 -16.03 -21.22
CA HIS C 110 12.19 -17.00 -22.29
C HIS C 110 12.94 -16.39 -23.47
N GLN C 111 12.74 -16.94 -24.65
CA GLN C 111 13.49 -16.52 -25.83
C GLN C 111 12.72 -16.67 -27.13
N GLY C 112 13.19 -15.98 -28.16
CA GLY C 112 12.65 -16.05 -29.52
C GLY C 112 11.16 -15.82 -29.61
N CYS C 113 10.47 -16.81 -30.17
CA CYS C 113 9.01 -16.78 -30.34
C CYS C 113 8.25 -17.03 -29.04
N SER C 114 8.90 -17.63 -28.02
CA SER C 114 8.24 -17.91 -26.74
C SER C 114 8.40 -16.76 -25.72
N VAL C 115 9.02 -15.62 -26.14
CA VAL C 115 9.25 -14.44 -25.29
C VAL C 115 7.96 -13.99 -24.55
N SER C 116 8.07 -13.82 -23.24
CA SER C 116 6.98 -13.35 -22.39
C SER C 116 7.50 -12.25 -21.46
N PHE C 117 6.59 -11.50 -20.84
CA PHE C 117 6.97 -10.38 -20.00
C PHE C 117 6.32 -10.50 -18.64
N GLN C 118 7.03 -10.11 -17.59
CA GLN C 118 6.49 -10.16 -16.24
C GLN C 118 6.80 -8.88 -15.50
N LEU C 119 5.79 -8.32 -14.83
CA LEU C 119 5.94 -7.11 -14.03
C LEU C 119 6.64 -7.42 -12.73
N GLU C 120 7.42 -6.45 -12.28
CA GLU C 120 8.19 -6.57 -11.06
C GLU C 120 8.18 -5.24 -10.35
N LYS C 121 7.89 -5.29 -9.05
CA LYS C 121 7.89 -4.11 -8.22
C LYS C 121 9.31 -3.88 -7.71
N VAL C 122 9.81 -2.64 -7.88
CA VAL C 122 11.12 -2.24 -7.42
C VAL C 122 10.94 -1.00 -6.51
N LEU C 123 11.65 -0.99 -5.39
CA LEU C 123 11.66 0.15 -4.48
C LEU C 123 12.91 0.96 -4.79
N VAL C 124 12.73 2.20 -5.28
CA VAL C 124 13.83 3.06 -5.68
C VAL C 124 14.14 4.15 -4.64
N THR C 125 15.40 4.20 -4.19
CA THR C 125 15.84 5.30 -3.34
C THR C 125 16.21 6.40 -4.33
N VAL C 126 15.35 7.38 -4.42
CA VAL C 126 15.39 8.48 -5.37
C VAL C 126 16.32 9.62 -4.96
N GLY C 127 16.46 9.80 -3.65
CA GLY C 127 17.29 10.85 -3.08
C GLY C 127 17.17 10.86 -1.58
N CYS C 128 17.72 11.92 -0.95
CA CYS C 128 17.72 12.10 0.50
C CYS C 128 17.17 13.46 0.89
N THR C 129 16.66 13.55 2.11
CA THR C 129 16.16 14.76 2.71
C THR C 129 16.84 14.90 4.08
N CYS C 130 16.77 16.09 4.66
CA CYS C 130 17.38 16.35 5.96
C CYS C 130 16.25 16.41 6.97
N VAL C 131 16.23 15.48 7.95
CA VAL C 131 15.16 15.50 8.95
C VAL C 131 15.66 16.03 10.27
N THR C 132 14.75 16.71 10.99
CA THR C 132 14.95 17.32 12.30
C THR C 132 14.07 16.61 13.34
N PRO C 133 14.28 16.82 14.68
CA PRO C 133 13.37 16.21 15.66
C PRO C 133 11.97 16.84 15.64
N VAL C 134 11.86 18.06 15.06
CA VAL C 134 10.64 18.85 15.00
C VAL C 134 9.75 18.53 13.79
N ILE C 135 8.51 18.12 14.09
CA ILE C 135 7.40 17.84 13.17
C ILE C 135 6.74 19.18 12.80
N HIS C 136 6.52 19.43 11.48
CA HIS C 136 5.94 20.70 11.02
C HIS C 136 4.51 20.56 10.53
N HIS D 14 13.31 0.11 -28.38
CA HIS D 14 11.98 -0.46 -28.65
C HIS D 14 12.04 -1.99 -28.73
N THR D 15 13.20 -2.53 -29.18
CA THR D 15 13.56 -3.94 -29.41
C THR D 15 13.23 -4.89 -28.23
N PHE D 16 13.16 -4.36 -26.99
CA PHE D 16 12.83 -5.11 -25.76
C PHE D 16 11.56 -5.96 -25.86
N PHE D 17 10.48 -5.37 -26.40
CA PHE D 17 9.17 -6.01 -26.52
C PHE D 17 8.93 -6.74 -27.83
N GLN D 18 9.85 -6.56 -28.78
CA GLN D 18 9.78 -7.15 -30.12
C GLN D 18 10.13 -8.63 -30.15
N LYS D 19 9.78 -9.28 -31.24
CA LYS D 19 10.01 -10.70 -31.50
C LYS D 19 10.55 -10.82 -32.93
N PRO D 20 11.35 -11.86 -33.32
CA PRO D 20 11.78 -11.96 -34.72
C PRO D 20 10.58 -12.03 -35.68
N GLU D 21 10.72 -11.42 -36.88
CA GLU D 21 9.67 -11.35 -37.92
C GLU D 21 9.11 -12.70 -38.35
N SER D 22 9.96 -13.74 -38.39
CA SER D 22 9.62 -15.10 -38.80
C SER D 22 8.71 -15.87 -37.83
N CYS D 23 8.59 -15.37 -36.58
CA CYS D 23 7.74 -15.95 -35.53
C CYS D 23 6.28 -15.90 -35.96
N PRO D 24 5.46 -16.94 -35.65
CA PRO D 24 4.04 -16.91 -36.03
C PRO D 24 3.33 -15.63 -35.59
N PRO D 25 2.53 -14.99 -36.48
CA PRO D 25 1.88 -13.73 -36.09
C PRO D 25 0.84 -13.90 -34.99
N VAL D 26 0.64 -12.83 -34.21
CA VAL D 26 -0.32 -12.78 -33.10
C VAL D 26 -1.33 -11.67 -33.45
N PRO D 27 -2.65 -11.99 -33.63
CA PRO D 27 -3.62 -10.95 -34.01
C PRO D 27 -3.74 -9.82 -32.97
N GLY D 28 -3.29 -8.63 -33.37
CA GLY D 28 -3.28 -7.42 -32.54
C GLY D 28 -1.89 -6.87 -32.27
N GLY D 29 -0.85 -7.68 -32.47
CA GLY D 29 0.54 -7.30 -32.22
C GLY D 29 0.94 -7.28 -30.75
N SER D 30 -0.01 -7.61 -29.86
CA SER D 30 0.16 -7.65 -28.41
C SER D 30 1.17 -8.71 -27.95
N MET D 31 1.69 -8.54 -26.74
CA MET D 31 2.70 -9.39 -26.13
C MET D 31 2.12 -10.24 -25.00
N LYS D 32 2.89 -11.25 -24.56
CA LYS D 32 2.49 -12.21 -23.54
C LYS D 32 2.88 -11.67 -22.16
N LEU D 33 1.88 -11.38 -21.32
CA LEU D 33 2.12 -10.91 -19.95
C LEU D 33 1.84 -12.04 -18.98
N ASP D 34 2.89 -12.49 -18.29
CA ASP D 34 2.84 -13.57 -17.32
C ASP D 34 2.16 -13.17 -16.02
N ILE D 35 1.48 -14.14 -15.41
CA ILE D 35 0.75 -14.01 -14.14
C ILE D 35 1.78 -13.79 -13.01
N GLY D 36 1.44 -12.89 -12.10
CA GLY D 36 2.24 -12.59 -10.93
C GLY D 36 3.13 -11.39 -11.08
N ILE D 37 3.16 -10.57 -10.04
CA ILE D 37 4.02 -9.39 -9.97
C ILE D 37 5.12 -9.84 -9.04
N ILE D 38 6.36 -9.76 -9.51
CA ILE D 38 7.53 -10.14 -8.72
C ILE D 38 7.69 -9.09 -7.65
N ASN D 39 7.92 -9.53 -6.40
CA ASN D 39 8.16 -8.65 -5.24
C ASN D 39 6.99 -7.68 -5.00
N GLU D 40 5.77 -8.12 -5.36
CA GLU D 40 4.54 -7.32 -5.24
C GLU D 40 4.28 -6.73 -3.85
N ASN D 41 4.67 -7.43 -2.81
CA ASN D 41 4.32 -7.04 -1.45
C ASN D 41 5.39 -6.24 -0.69
N GLN D 42 6.45 -5.81 -1.37
CA GLN D 42 7.45 -4.97 -0.70
C GLN D 42 6.85 -3.59 -0.44
N ARG D 43 7.02 -3.07 0.78
CA ARG D 43 6.50 -1.76 1.17
C ARG D 43 7.63 -0.78 1.37
N VAL D 44 7.37 0.48 1.04
CA VAL D 44 8.33 1.57 1.24
C VAL D 44 8.56 1.70 2.75
N SER D 45 9.85 1.81 3.15
CA SER D 45 10.27 1.97 4.53
C SER D 45 11.01 3.30 4.70
N MET D 46 10.30 4.33 5.18
CA MET D 46 10.88 5.67 5.43
C MET D 46 10.65 6.10 6.86
N SER D 47 11.44 7.08 7.35
CA SER D 47 11.29 7.65 8.71
C SER D 47 9.84 8.08 8.93
N ARG D 48 9.27 7.77 10.11
CA ARG D 48 7.91 8.15 10.50
C ARG D 48 7.80 9.68 10.44
N ASN D 49 6.79 10.20 9.72
CA ASN D 49 6.53 11.65 9.54
C ASN D 49 7.69 12.38 8.86
N ILE D 50 8.38 11.70 7.92
CA ILE D 50 9.51 12.23 7.13
C ILE D 50 9.14 13.54 6.44
N GLU D 51 7.93 13.61 5.86
CA GLU D 51 7.39 14.75 5.13
C GLU D 51 7.22 15.98 6.00
N SER D 52 6.98 15.82 7.33
CA SER D 52 6.80 16.96 8.25
C SER D 52 8.06 17.29 9.01
N ARG D 53 8.93 16.29 9.25
CA ARG D 53 10.16 16.48 10.02
C ARG D 53 11.32 17.00 9.17
N SER D 54 11.19 16.93 7.84
CA SER D 54 12.21 17.39 6.89
C SER D 54 12.41 18.91 6.97
N THR D 55 13.62 19.40 6.59
CA THR D 55 13.92 20.85 6.56
C THR D 55 13.23 21.44 5.33
N SER D 56 12.87 20.58 4.37
CA SER D 56 12.10 20.92 3.15
C SER D 56 10.81 20.09 3.26
N PRO D 57 9.88 20.44 4.19
CA PRO D 57 8.68 19.60 4.38
C PRO D 57 7.74 19.57 3.18
N TRP D 58 6.96 18.50 3.07
CA TRP D 58 6.07 18.38 1.93
C TRP D 58 4.70 17.83 2.27
N ASN D 59 3.74 18.17 1.42
CA ASN D 59 2.39 17.65 1.48
C ASN D 59 2.30 16.47 0.54
N TYR D 60 1.38 15.54 0.80
CA TYR D 60 1.08 14.40 -0.04
C TYR D 60 -0.38 14.57 -0.50
N THR D 61 -0.65 14.19 -1.77
CA THR D 61 -1.99 14.13 -2.37
C THR D 61 -2.13 12.72 -2.96
N VAL D 62 -3.17 11.98 -2.52
CA VAL D 62 -3.41 10.62 -2.99
C VAL D 62 -4.29 10.71 -4.24
N THR D 63 -3.76 10.20 -5.35
CA THR D 63 -4.51 10.18 -6.62
C THR D 63 -5.03 8.76 -6.77
N TRP D 64 -6.29 8.62 -7.13
CA TRP D 64 -6.93 7.32 -7.29
C TRP D 64 -7.44 7.24 -8.72
N ASP D 65 -7.24 6.07 -9.35
CA ASP D 65 -7.69 5.81 -10.71
C ASP D 65 -8.26 4.39 -10.75
N PRO D 66 -9.54 4.23 -11.20
CA PRO D 66 -10.15 2.89 -11.26
C PRO D 66 -9.54 1.90 -12.27
N ASN D 67 -8.72 2.36 -13.22
CA ASN D 67 -8.17 1.48 -14.26
C ASN D 67 -6.67 1.38 -14.19
N ARG D 68 -6.11 1.74 -13.03
CA ARG D 68 -4.68 1.76 -12.84
C ARG D 68 -4.19 0.79 -11.79
N TYR D 69 -3.02 0.21 -12.05
CA TYR D 69 -2.29 -0.60 -11.10
C TYR D 69 -0.93 0.12 -10.92
N PRO D 70 -0.57 0.62 -9.74
CA PRO D 70 -1.36 0.66 -8.48
C PRO D 70 -2.56 1.61 -8.59
N SER D 71 -3.66 1.34 -7.84
CA SER D 71 -4.86 2.19 -7.83
C SER D 71 -4.53 3.62 -7.40
N GLU D 72 -3.65 3.75 -6.41
CA GLU D 72 -3.27 5.04 -5.84
C GLU D 72 -1.83 5.35 -6.09
N VAL D 73 -1.58 6.56 -6.54
CA VAL D 73 -0.24 7.10 -6.76
C VAL D 73 -0.20 8.39 -5.93
N VAL D 74 0.71 8.42 -4.95
CA VAL D 74 0.88 9.55 -4.05
C VAL D 74 1.82 10.57 -4.71
N GLN D 75 1.38 11.84 -4.76
CA GLN D 75 2.14 12.96 -5.32
C GLN D 75 2.52 13.95 -4.21
N ALA D 76 3.80 14.32 -4.15
CA ALA D 76 4.29 15.26 -3.15
C ALA D 76 4.38 16.69 -3.69
N GLN D 77 4.27 17.67 -2.79
CA GLN D 77 4.39 19.09 -3.10
C GLN D 77 5.06 19.78 -1.93
N CYS D 78 6.19 20.46 -2.19
CA CYS D 78 6.93 21.21 -1.15
C CYS D 78 6.02 22.25 -0.54
N ARG D 79 5.93 22.29 0.81
CA ARG D 79 5.08 23.22 1.56
C ARG D 79 5.60 24.65 1.51
N ASN D 80 6.95 24.79 1.46
CA ASN D 80 7.63 26.08 1.48
C ASN D 80 8.58 26.23 0.30
N LEU D 81 8.99 27.48 0.04
CA LEU D 81 9.96 27.86 -0.98
C LEU D 81 11.37 27.71 -0.40
N GLY D 82 11.55 28.13 0.85
CA GLY D 82 12.78 28.04 1.61
C GLY D 82 12.85 26.79 2.46
N CYS D 83 13.83 26.73 3.37
CA CYS D 83 14.03 25.58 4.26
C CYS D 83 13.95 25.96 5.74
N ILE D 84 13.50 25.03 6.58
CA ILE D 84 13.42 25.26 8.03
C ILE D 84 14.81 24.99 8.67
N ASN D 85 15.27 25.90 9.53
CA ASN D 85 16.57 25.75 10.23
C ASN D 85 16.36 25.26 11.67
N ALA D 86 17.44 25.25 12.47
CA ALA D 86 17.47 24.82 13.88
C ALA D 86 16.44 25.54 14.77
N GLN D 87 16.21 26.84 14.52
CA GLN D 87 15.26 27.68 15.26
C GLN D 87 13.78 27.38 14.97
N GLY D 88 13.50 26.59 13.92
CA GLY D 88 12.16 26.22 13.50
C GLY D 88 11.49 27.25 12.60
N LYS D 89 12.31 28.13 12.00
CA LYS D 89 11.92 29.24 11.12
C LYS D 89 12.41 29.02 9.68
N GLU D 90 11.64 29.53 8.68
CA GLU D 90 11.95 29.41 7.25
C GLU D 90 13.10 30.31 6.80
N ASP D 91 14.10 29.74 6.11
CA ASP D 91 15.29 30.39 5.57
C ASP D 91 15.14 30.39 4.04
N ILE D 92 14.82 31.56 3.46
CA ILE D 92 14.54 31.76 2.03
C ILE D 92 15.83 31.82 1.14
N SER D 93 17.03 31.80 1.77
CA SER D 93 18.32 31.78 1.06
C SER D 93 18.64 30.35 0.63
N MET D 94 17.82 29.38 1.07
CA MET D 94 17.86 27.96 0.77
C MET D 94 16.58 27.63 0.02
N ASN D 95 16.56 26.54 -0.74
CA ASN D 95 15.36 26.17 -1.51
C ASN D 95 14.87 24.76 -1.25
N SER D 96 13.54 24.60 -1.03
CA SER D 96 12.91 23.29 -0.92
C SER D 96 12.64 22.97 -2.37
N VAL D 97 13.26 21.91 -2.88
CA VAL D 97 13.07 21.52 -4.27
C VAL D 97 12.53 20.10 -4.36
N PRO D 98 11.57 19.81 -5.25
CA PRO D 98 11.04 18.44 -5.32
C PRO D 98 12.00 17.42 -5.96
N ILE D 99 11.92 16.16 -5.51
CA ILE D 99 12.66 15.04 -6.09
C ILE D 99 11.64 14.29 -6.94
N GLN D 100 11.89 14.27 -8.24
CA GLN D 100 10.99 13.64 -9.22
C GLN D 100 11.56 12.33 -9.74
N GLN D 101 10.68 11.35 -9.94
CA GLN D 101 11.02 10.01 -10.40
C GLN D 101 10.09 9.55 -11.51
N GLU D 102 10.67 8.98 -12.55
CA GLU D 102 9.96 8.41 -13.69
C GLU D 102 9.54 7.01 -13.28
N THR D 103 8.25 6.76 -13.17
CA THR D 103 7.77 5.43 -12.79
C THR D 103 6.89 4.84 -13.89
N LEU D 104 6.65 3.51 -13.83
CA LEU D 104 5.72 2.83 -14.72
C LEU D 104 4.56 2.34 -13.91
N VAL D 105 3.37 2.53 -14.45
CA VAL D 105 2.12 2.01 -13.90
C VAL D 105 1.50 1.18 -15.02
N VAL D 106 0.44 0.44 -14.70
CA VAL D 106 -0.24 -0.38 -15.70
C VAL D 106 -1.66 0.11 -15.80
N ARG D 107 -2.15 0.24 -17.02
CA ARG D 107 -3.52 0.63 -17.30
C ARG D 107 -4.27 -0.59 -17.84
N ARG D 108 -5.45 -0.86 -17.26
CA ARG D 108 -6.35 -1.94 -17.66
C ARG D 108 -7.27 -1.36 -18.74
N LYS D 109 -7.43 -2.08 -19.85
CA LYS D 109 -8.24 -1.65 -20.98
C LYS D 109 -9.28 -2.71 -21.28
N HIS D 110 -10.44 -2.27 -21.79
CA HIS D 110 -11.59 -3.10 -22.19
C HIS D 110 -12.22 -3.84 -20.99
N GLN D 111 -13.05 -4.84 -21.30
CA GLN D 111 -13.81 -5.59 -20.32
C GLN D 111 -13.83 -7.07 -20.66
N GLY D 112 -14.19 -7.87 -19.66
CA GLY D 112 -14.35 -9.31 -19.75
C GLY D 112 -13.18 -10.04 -20.32
N CYS D 113 -13.41 -10.78 -21.41
CA CYS D 113 -12.35 -11.57 -22.05
C CYS D 113 -11.45 -10.73 -22.93
N SER D 114 -11.89 -9.52 -23.31
CA SER D 114 -11.13 -8.58 -24.13
C SER D 114 -10.13 -7.75 -23.32
N VAL D 115 -10.11 -7.91 -21.96
CA VAL D 115 -9.22 -7.13 -21.10
C VAL D 115 -7.75 -7.26 -21.55
N SER D 116 -7.09 -6.11 -21.67
CA SER D 116 -5.67 -6.02 -22.02
C SER D 116 -5.03 -4.96 -21.13
N PHE D 117 -3.71 -4.98 -21.06
CA PHE D 117 -2.94 -4.11 -20.19
C PHE D 117 -1.92 -3.32 -20.96
N GLN D 118 -1.69 -2.08 -20.56
CA GLN D 118 -0.72 -1.25 -21.23
C GLN D 118 0.11 -0.49 -20.22
N LEU D 119 1.42 -0.38 -20.46
CA LEU D 119 2.32 0.35 -19.57
C LEU D 119 2.13 1.84 -19.78
N GLU D 120 2.24 2.60 -18.68
CA GLU D 120 2.10 4.04 -18.69
C GLU D 120 3.19 4.68 -17.87
N LYS D 121 3.84 5.71 -18.41
CA LYS D 121 4.87 6.47 -17.72
C LYS D 121 4.18 7.55 -16.84
N VAL D 122 4.52 7.56 -15.54
CA VAL D 122 3.99 8.54 -14.58
C VAL D 122 5.17 9.19 -13.88
N LEU D 123 5.22 10.53 -13.88
CA LEU D 123 6.25 11.29 -13.17
C LEU D 123 5.76 11.49 -11.74
N VAL D 124 6.52 10.98 -10.79
CA VAL D 124 6.14 11.04 -9.38
C VAL D 124 7.04 11.97 -8.61
N THR D 125 6.45 12.98 -7.97
CA THR D 125 7.21 13.83 -7.05
C THR D 125 7.14 13.06 -5.74
N VAL D 126 8.26 12.52 -5.32
CA VAL D 126 8.33 11.63 -4.15
C VAL D 126 8.51 12.39 -2.81
N GLY D 127 9.09 13.57 -2.88
CA GLY D 127 9.37 14.38 -1.70
C GLY D 127 10.24 15.55 -2.07
N CYS D 128 10.77 16.26 -1.06
CA CYS D 128 11.59 17.43 -1.32
C CYS D 128 12.90 17.35 -0.59
N THR D 129 13.90 18.06 -1.09
CA THR D 129 15.21 18.19 -0.47
C THR D 129 15.55 19.67 -0.32
N CYS D 130 16.48 19.99 0.56
CA CYS D 130 16.92 21.37 0.73
C CYS D 130 18.20 21.56 -0.06
N VAL D 131 18.23 22.54 -0.99
CA VAL D 131 19.42 22.82 -1.80
C VAL D 131 19.95 24.24 -1.60
N THR D 132 21.28 24.40 -1.83
CA THR D 132 21.99 25.69 -1.84
C THR D 132 21.82 26.22 -3.27
N PRO D 133 21.37 27.49 -3.48
CA PRO D 133 21.22 27.99 -4.87
C PRO D 133 22.57 28.27 -5.52
N VAL D 134 22.58 28.41 -6.86
CA VAL D 134 23.78 28.71 -7.66
C VAL D 134 24.36 30.11 -7.36
C1 NAG E . 2.33 -19.40 -3.19
C2 NAG E . 1.61 -20.68 -3.65
C3 NAG E . 2.41 -21.52 -4.64
C4 NAG E . 3.09 -20.67 -5.72
C5 NAG E . 3.75 -19.41 -5.15
C6 NAG E . 4.22 -18.44 -6.22
C7 NAG E . 0.02 -21.79 -2.13
C8 NAG E . -0.12 -22.82 -1.04
N2 NAG E . 1.27 -21.46 -2.48
O3 NAG E . 1.52 -22.44 -5.26
O4 NAG E . 4.10 -21.46 -6.26
O5 NAG E . 2.80 -18.68 -4.35
O6 NAG E . 5.14 -17.49 -5.70
O7 NAG E . -0.96 -21.29 -2.68
C1 NAG E . 3.96 -21.47 -7.56
C2 NAG E . 5.12 -22.25 -8.16
C3 NAG E . 4.94 -22.36 -9.68
C4 NAG E . 3.56 -22.92 -10.03
C5 NAG E . 2.48 -22.07 -9.36
C6 NAG E . 1.07 -22.59 -9.57
C7 NAG E . 7.11 -21.84 -6.74
C8 NAG E . 8.34 -21.00 -6.56
N2 NAG E . 6.38 -21.60 -7.85
O3 NAG E . 5.95 -23.21 -10.22
O4 NAG E . 3.38 -22.90 -11.44
O5 NAG E . 2.70 -22.05 -7.94
O6 NAG E . 0.58 -22.26 -10.86
O7 NAG E . 6.76 -22.66 -5.89
C1 NAG F . -2.44 -12.00 29.02
C2 NAG F . -1.94 -13.45 29.17
C3 NAG F . -2.02 -13.91 30.63
C4 NAG F . -1.32 -12.91 31.56
C5 NAG F . -1.90 -11.52 31.34
C6 NAG F . -1.22 -10.45 32.16
C7 NAG F . -3.93 -14.75 28.38
C8 NAG F . -4.41 -15.72 27.35
N2 NAG F . -2.63 -14.38 28.29
O3 NAG F . -1.43 -15.20 30.77
O4 NAG F . -1.50 -13.32 32.91
O5 NAG F . -1.77 -11.14 29.96
O6 NAG F . -1.93 -9.21 32.11
O7 NAG F . -4.68 -14.32 29.25
C1 NAG G . 30.18 9.66 -4.77
C2 NAG G . 30.18 11.19 -4.73
C3 NAG G . 31.64 11.68 -4.62
C4 NAG G . 32.35 11.03 -3.44
C5 NAG G . 32.23 9.51 -3.50
C6 NAG G . 32.77 8.81 -2.27
C7 NAG G . 29.80 11.68 -7.16
C8 NAG G . 28.91 12.43 -8.11
N2 NAG G . 29.49 11.82 -5.84
O3 NAG G . 31.64 13.10 -4.48
O4 NAG G . 33.72 11.41 -3.45
O5 NAG G . 30.84 9.14 -3.61
O6 NAG G . 32.53 7.41 -2.32
O7 NAG G . 30.72 11.00 -7.56
C1 NAG H . -0.37 21.74 2.35
C2 NAG H . -0.59 23.00 1.52
C3 NAG H . -1.43 24.02 2.29
C4 NAG H . -2.73 23.40 2.80
C5 NAG H . -2.44 22.13 3.60
C6 NAG H . -3.69 21.37 3.97
C7 NAG H . 0.98 23.94 -0.14
C8 NAG H . 2.22 24.78 -0.30
N2 NAG H . 0.68 23.59 1.12
O3 NAG H . -1.74 25.11 1.42
O4 NAG H . -3.41 24.34 3.64
O5 NAG H . -1.62 21.22 2.82
O6 NAG H . -3.43 20.32 4.90
O7 NAG H . 0.31 23.59 -1.11
S SO4 I . -16.43 -11.16 -23.48
O1 SO4 I . -17.69 -10.50 -23.78
O2 SO4 I . -16.54 -12.60 -23.72
O3 SO4 I . -15.39 -10.57 -24.32
O4 SO4 I . -16.14 -10.96 -22.05
#